data_4B9H
#
_entry.id   4B9H
#
_cell.length_a   57.889
_cell.length_b   57.889
_cell.length_c   119.679
_cell.angle_alpha   90.00
_cell.angle_beta   90.00
_cell.angle_gamma   120.00
#
_symmetry.space_group_name_H-M   'P 32 2 1'
#
loop_
_entity.id
_entity.type
_entity.pdbx_description
1 polymer 'EXTRACELLULAR PROTEIN 6'
2 branched 2-acetamido-2-deoxy-beta-D-glucopyranose-(1-4)-2-acetamido-2-deoxy-beta-D-glucopyranose
3 branched 2-acetamido-2-deoxy-beta-D-glucopyranose-(1-4)-2-acetamido-2-deoxy-beta-D-glucopyranose-(1-4)-2-acetamido-2-deoxy-beta-D-glucopyranose-(1-4)-2-acetamido-2-deoxy-alpha-D-glucopyranose
4 non-polymer 2-acetamido-2-deoxy-beta-D-glucopyranose
5 non-polymer '5-amino-2,4,6-triiodobenzene-1,3-dicarboxylic acid'
6 water water
#
_entity_poly.entity_id   1
_entity_poly.type   'polypeptide(L)'
_entity_poly.pdbx_seq_one_letter_code
;MQSMILFAAALMGAAVNGFVLPRTDDPDCETKATDCGSTSNIKYTVVKGDTLTSIAKKFKSGICNIVSVNKLANPNLIEL
GATLIIPENCSNPDNKSCVSTPAEPTETCVPGLPGSYTIVSGDTLTNISQDFNITLDSLIAANTQIENPDAIDVGQIITV
PVCPSSQCEAVGTYNIVAGDLFVDLAATYHTTIGQIKALNNNVNPSKLKVGQQIILPQDCKNVTTAVA
;
_entity_poly.pdbx_strand_id   A
#
loop_
_chem_comp.id
_chem_comp.type
_chem_comp.name
_chem_comp.formula
I3C non-polymer '5-amino-2,4,6-triiodobenzene-1,3-dicarboxylic acid' 'C8 H4 I3 N O4'
NAG D-saccharide, beta linking 2-acetamido-2-deoxy-beta-D-glucopyranose 'C8 H15 N O6'
NDG D-saccharide, alpha linking 2-acetamido-2-deoxy-alpha-D-glucopyranose 'C8 H15 N O6'
#
# COMPACT_ATOMS: atom_id res chain seq x y z
N CYS A 36 -22.12 -12.86 -9.47
CA CYS A 36 -22.31 -11.74 -8.54
C CYS A 36 -23.78 -11.58 -8.23
N GLY A 37 -24.65 -12.08 -9.12
CA GLY A 37 -26.09 -11.81 -9.04
C GLY A 37 -26.31 -10.33 -8.80
N SER A 38 -25.73 -9.49 -9.68
CA SER A 38 -25.93 -8.03 -9.65
C SER A 38 -27.21 -7.64 -10.44
N THR A 39 -27.71 -6.42 -10.22
CA THR A 39 -28.93 -5.89 -10.92
C THR A 39 -28.62 -4.89 -12.06
N SER A 40 -27.46 -4.24 -12.03
CA SER A 40 -27.01 -3.43 -13.17
C SER A 40 -25.50 -3.29 -13.21
N ASN A 41 -25.01 -2.75 -14.31
CA ASN A 41 -23.61 -2.47 -14.45
C ASN A 41 -23.40 -1.05 -14.81
N ILE A 42 -22.42 -0.43 -14.17
CA ILE A 42 -21.96 0.91 -14.49
C ILE A 42 -20.59 0.77 -15.18
N LYS A 43 -20.39 1.51 -16.27
CA LYS A 43 -19.04 1.77 -16.79
C LYS A 43 -18.41 3.01 -16.07
N TYR A 44 -17.31 2.76 -15.37
CA TYR A 44 -16.69 3.68 -14.42
C TYR A 44 -15.22 3.99 -14.75
N THR A 45 -14.92 5.29 -14.71
CA THR A 45 -13.56 5.87 -14.91
C THR A 45 -12.88 5.91 -13.58
N VAL A 46 -11.71 5.25 -13.53
CA VAL A 46 -10.86 5.15 -12.33
C VAL A 46 -10.25 6.55 -12.06
N VAL A 47 -10.41 7.00 -10.82
CA VAL A 47 -9.90 8.31 -10.41
C VAL A 47 -8.90 8.13 -9.25
N LYS A 48 -8.35 9.25 -8.81
CA LYS A 48 -7.26 9.24 -7.82
C LYS A 48 -7.79 8.72 -6.47
N GLY A 49 -7.02 7.88 -5.82
CA GLY A 49 -7.43 7.31 -4.57
C GLY A 49 -8.12 5.97 -4.76
N ASP A 50 -8.48 5.57 -5.98
CA ASP A 50 -9.35 4.40 -6.11
C ASP A 50 -8.54 3.15 -5.86
N THR A 51 -9.11 2.19 -5.13
CA THR A 51 -8.64 0.81 -5.29
C THR A 51 -9.85 -0.04 -5.70
N LEU A 52 -9.63 -1.29 -6.09
CA LEU A 52 -10.79 -2.20 -6.26
C LEU A 52 -11.62 -2.32 -4.98
N THR A 53 -10.96 -2.26 -3.81
CA THR A 53 -11.72 -2.31 -2.51
C THR A 53 -12.70 -1.13 -2.39
N SER A 54 -12.22 0.08 -2.66
CA SER A 54 -13.05 1.29 -2.50
C SER A 54 -14.11 1.36 -3.57
N ILE A 55 -13.80 0.86 -4.76
CA ILE A 55 -14.77 0.84 -5.87
C ILE A 55 -15.85 -0.18 -5.53
N ALA A 56 -15.44 -1.38 -5.10
CA ALA A 56 -16.41 -2.43 -4.71
C ALA A 56 -17.38 -1.93 -3.65
N LYS A 57 -16.89 -1.11 -2.72
CA LYS A 57 -17.71 -0.54 -1.64
C LYS A 57 -18.65 0.53 -2.15
N LYS A 58 -18.11 1.51 -2.88
CA LYS A 58 -18.96 2.50 -3.52
C LYS A 58 -20.18 1.83 -4.17
N PHE A 59 -19.93 0.89 -5.09
CA PHE A 59 -21.00 0.31 -5.91
C PHE A 59 -21.65 -0.97 -5.36
N LYS A 60 -21.24 -1.40 -4.17
CA LYS A 60 -21.70 -2.68 -3.55
C LYS A 60 -21.48 -3.84 -4.52
N SER A 61 -20.26 -3.91 -5.09
CA SER A 61 -19.83 -4.97 -6.00
C SER A 61 -18.92 -5.93 -5.21
N GLY A 62 -18.18 -6.79 -5.91
CA GLY A 62 -17.07 -7.52 -5.29
C GLY A 62 -15.78 -7.30 -6.05
N ILE A 63 -14.70 -7.07 -5.31
CA ILE A 63 -13.36 -7.00 -5.88
C ILE A 63 -13.19 -8.03 -7.00
N CYS A 64 -13.53 -9.29 -6.75
CA CYS A 64 -13.18 -10.35 -7.72
C CYS A 64 -14.15 -10.44 -8.91
N ASN A 65 -15.37 -10.00 -8.67
CA ASN A 65 -16.30 -9.84 -9.77
C ASN A 65 -15.80 -8.80 -10.80
N ILE A 66 -15.26 -7.68 -10.31
CA ILE A 66 -14.69 -6.64 -11.15
C ILE A 66 -13.45 -7.20 -11.88
N VAL A 67 -12.64 -8.01 -11.17
CA VAL A 67 -11.47 -8.66 -11.77
C VAL A 67 -11.93 -9.58 -12.95
N SER A 68 -12.86 -10.49 -12.72
CA SER A 68 -13.42 -11.37 -13.80
C SER A 68 -13.96 -10.62 -15.01
N VAL A 69 -15.00 -9.79 -14.78
CA VAL A 69 -15.65 -9.05 -15.86
C VAL A 69 -14.65 -8.26 -16.70
N ASN A 70 -13.65 -7.65 -16.08
CA ASN A 70 -12.71 -6.82 -16.84
C ASN A 70 -11.38 -7.56 -17.19
N LYS A 71 -11.28 -8.85 -16.88
CA LYS A 71 -10.07 -9.68 -17.11
C LYS A 71 -8.81 -8.99 -16.68
N LEU A 72 -8.87 -8.45 -15.47
CA LEU A 72 -7.75 -7.81 -14.87
C LEU A 72 -6.72 -8.88 -14.45
N ALA A 73 -5.48 -8.73 -14.91
CA ALA A 73 -4.36 -9.64 -14.60
C ALA A 73 -3.91 -9.50 -13.16
N ASN A 74 -4.07 -8.32 -12.56
CA ASN A 74 -3.62 -8.09 -11.16
C ASN A 74 -4.64 -7.29 -10.33
N PRO A 75 -5.32 -7.92 -9.34
CA PRO A 75 -6.31 -7.17 -8.50
C PRO A 75 -5.83 -5.87 -7.81
N ASN A 76 -4.51 -5.75 -7.62
CA ASN A 76 -3.94 -4.56 -7.02
C ASN A 76 -3.73 -3.41 -8.01
N LEU A 77 -3.82 -3.69 -9.32
CA LEU A 77 -3.49 -2.71 -10.38
C LEU A 77 -4.72 -2.35 -11.17
N ILE A 78 -5.11 -1.08 -11.00
CA ILE A 78 -6.11 -0.45 -11.85
C ILE A 78 -5.47 0.87 -12.25
N GLU A 79 -5.61 1.26 -13.50
CA GLU A 79 -5.00 2.50 -13.99
C GLU A 79 -5.86 3.77 -13.94
N LEU A 80 -5.26 4.86 -13.46
CA LEU A 80 -5.89 6.14 -13.50
C LEU A 80 -6.45 6.40 -14.90
N GLY A 81 -7.74 6.78 -14.95
CA GLY A 81 -8.41 7.06 -16.19
C GLY A 81 -8.88 5.86 -16.99
N ALA A 82 -8.60 4.63 -16.58
CA ALA A 82 -9.14 3.46 -17.28
C ALA A 82 -10.63 3.32 -16.97
N THR A 83 -11.36 2.71 -17.88
CA THR A 83 -12.79 2.38 -17.69
C THR A 83 -12.91 0.94 -17.21
N LEU A 84 -13.84 0.72 -16.29
CA LEU A 84 -14.12 -0.59 -15.71
C LEU A 84 -15.59 -0.75 -15.67
N ILE A 85 -16.07 -1.91 -16.14
CA ILE A 85 -17.45 -2.31 -15.98
C ILE A 85 -17.55 -2.88 -14.57
N ILE A 86 -18.52 -2.36 -13.80
CA ILE A 86 -18.71 -2.70 -12.37
C ILE A 86 -20.10 -3.30 -12.24
N PRO A 87 -20.19 -4.57 -11.77
CA PRO A 87 -21.51 -5.09 -11.38
C PRO A 87 -21.94 -4.38 -10.09
N GLU A 88 -23.04 -3.63 -10.18
CA GLU A 88 -23.57 -2.83 -9.09
C GLU A 88 -24.53 -3.65 -8.24
N ASN A 89 -24.59 -3.33 -6.94
CA ASN A 89 -25.56 -3.94 -6.00
C ASN A 89 -25.69 -5.45 -6.18
N CYS A 90 -24.59 -6.16 -5.91
CA CYS A 90 -24.53 -7.62 -5.98
C CYS A 90 -25.17 -8.25 -4.75
N SER A 91 -25.86 -9.37 -4.94
CA SER A 91 -26.32 -10.19 -3.83
C SER A 91 -25.18 -11.12 -3.39
N ASN A 92 -24.27 -11.42 -4.31
CA ASN A 92 -23.31 -12.48 -4.13
C ASN A 92 -21.86 -11.96 -4.30
N PRO A 93 -21.49 -10.87 -3.57
CA PRO A 93 -20.19 -10.28 -3.82
C PRO A 93 -19.03 -11.20 -3.45
N ASP A 94 -18.13 -11.47 -4.40
CA ASP A 94 -16.91 -12.21 -4.14
C ASP A 94 -15.81 -11.18 -3.95
N ASN A 95 -15.48 -10.91 -2.68
CA ASN A 95 -14.35 -10.06 -2.31
C ASN A 95 -13.11 -10.87 -1.85
N LYS A 96 -13.19 -12.21 -1.84
CA LYS A 96 -12.11 -13.01 -1.22
C LYS A 96 -11.33 -13.99 -2.11
N SER A 97 -11.93 -14.51 -3.17
CA SER A 97 -11.34 -15.65 -3.89
C SER A 97 -10.06 -15.31 -4.61
N CYS A 98 -9.89 -14.04 -5.01
CA CYS A 98 -8.80 -13.61 -5.89
C CYS A 98 -7.72 -12.82 -5.19
N VAL A 99 -7.96 -12.37 -3.97
CA VAL A 99 -7.02 -11.55 -3.25
C VAL A 99 -6.82 -12.25 -1.95
N SER A 100 -5.75 -11.91 -1.24
CA SER A 100 -5.60 -12.33 0.14
C SER A 100 -5.39 -11.07 0.97
N THR A 101 -6.44 -10.56 1.60
CA THR A 101 -6.32 -9.32 2.39
C THR A 101 -5.68 -9.60 3.77
N PRO A 102 -4.46 -9.03 4.02
CA PRO A 102 -3.74 -9.28 5.30
C PRO A 102 -4.52 -8.88 6.55
N ALA A 103 -4.29 -9.60 7.66
CA ALA A 103 -4.81 -9.20 8.95
C ALA A 103 -4.20 -7.84 9.29
N GLU A 104 -4.67 -7.25 10.37
CA GLU A 104 -4.06 -6.05 10.89
C GLU A 104 -2.60 -6.35 11.21
N PRO A 105 -1.75 -5.33 11.14
CA PRO A 105 -0.40 -5.49 11.65
C PRO A 105 -0.39 -5.84 13.13
N THR A 106 0.51 -6.72 13.50
CA THR A 106 0.72 -7.10 14.89
C THR A 106 2.12 -6.80 15.42
N GLU A 107 3.10 -6.62 14.55
CA GLU A 107 4.44 -6.31 14.96
C GLU A 107 4.55 -4.85 15.49
N THR A 108 5.56 -4.61 16.32
CA THR A 108 5.79 -3.31 16.93
C THR A 108 7.08 -2.68 16.46
N CYS A 109 7.80 -3.36 15.55
CA CYS A 109 8.97 -2.78 14.87
C CYS A 109 9.17 -3.32 13.43
N VAL A 110 9.90 -2.53 12.64
CA VAL A 110 10.25 -2.81 11.25
C VAL A 110 11.72 -3.28 11.21
N PRO A 111 12.00 -4.40 10.54
CA PRO A 111 13.37 -4.83 10.40
C PRO A 111 14.22 -3.94 9.44
N GLY A 112 15.42 -3.60 9.89
CA GLY A 112 16.53 -3.07 9.05
C GLY A 112 16.60 -1.57 8.95
N LEU A 113 15.52 -0.94 8.50
CA LEU A 113 15.53 0.46 8.17
C LEU A 113 14.10 0.96 7.99
N PRO A 114 13.90 2.31 7.92
CA PRO A 114 14.77 3.42 8.20
C PRO A 114 14.54 3.94 9.60
N GLY A 115 15.42 4.84 10.07
CA GLY A 115 15.19 5.56 11.33
C GLY A 115 14.05 6.55 11.29
N SER A 116 13.74 7.09 10.11
CA SER A 116 12.72 8.12 9.99
C SER A 116 11.96 8.06 8.65
N TYR A 117 10.86 8.78 8.63
CA TYR A 117 9.96 8.87 7.54
C TYR A 117 9.49 10.31 7.52
N THR A 118 9.36 10.90 6.35
CA THR A 118 8.81 12.27 6.25
C THR A 118 7.38 12.23 5.73
N ILE A 119 6.51 13.01 6.37
CA ILE A 119 5.07 13.03 6.05
C ILE A 119 4.82 13.70 4.69
N VAL A 120 4.07 13.05 3.80
CA VAL A 120 3.62 13.66 2.54
C VAL A 120 2.12 13.89 2.54
N SER A 121 1.63 14.67 1.59
CA SER A 121 0.19 14.93 1.51
C SER A 121 -0.65 13.64 1.57
N GLY A 122 -1.69 13.62 2.40
CA GLY A 122 -2.59 12.44 2.53
C GLY A 122 -2.12 11.34 3.49
N ASP A 123 -0.93 11.49 4.09
CA ASP A 123 -0.44 10.49 5.04
C ASP A 123 -1.19 10.68 6.36
N THR A 124 -1.52 9.58 7.02
CA THR A 124 -1.91 9.60 8.44
C THR A 124 -1.07 8.58 9.17
N LEU A 125 -1.03 8.68 10.49
CA LEU A 125 -0.21 7.72 11.24
C LEU A 125 -0.79 6.31 11.12
N THR A 126 -2.11 6.21 10.90
CA THR A 126 -2.77 4.92 10.67
C THR A 126 -2.28 4.27 9.40
N ASN A 127 -2.44 5.02 8.30
CA ASN A 127 -1.88 4.80 6.97
C ASN A 127 -0.41 4.35 6.98
N ILE A 128 0.41 5.19 7.58
CA ILE A 128 1.85 4.93 7.57
C ILE A 128 2.22 3.69 8.42
N SER A 129 1.65 3.55 9.62
CA SER A 129 1.91 2.32 10.42
C SER A 129 1.47 1.02 9.65
N GLN A 130 0.33 1.06 8.97
CA GLN A 130 -0.07 -0.08 8.06
C GLN A 130 0.93 -0.38 6.95
N ASP A 131 1.37 0.65 6.23
CA ASP A 131 2.45 0.50 5.23
C ASP A 131 3.71 -0.13 5.82
N PHE A 132 4.05 0.25 7.05
CA PHE A 132 5.29 -0.29 7.69
C PHE A 132 5.07 -1.63 8.36
N ASN A 133 3.84 -2.14 8.23
CA ASN A 133 3.42 -3.37 8.88
C ASN A 133 3.65 -3.42 10.38
N ILE A 134 3.37 -2.29 11.03
CA ILE A 134 3.37 -2.25 12.50
C ILE A 134 2.07 -1.64 12.99
N THR A 135 1.80 -1.83 14.27
CA THR A 135 0.63 -1.27 14.94
C THR A 135 0.77 0.27 15.05
N LEU A 136 -0.36 0.94 14.89
CA LEU A 136 -0.53 2.38 15.05
C LEU A 136 0.05 2.76 16.37
N ASP A 137 -0.32 1.96 17.35
CA ASP A 137 0.19 2.09 18.68
C ASP A 137 1.72 2.18 18.79
N SER A 138 2.41 1.25 18.14
CA SER A 138 3.88 1.26 18.22
C SER A 138 4.43 2.53 17.52
N LEU A 139 3.80 2.95 16.45
CA LEU A 139 4.29 4.16 15.76
C LEU A 139 4.07 5.42 16.62
N ILE A 140 2.89 5.55 17.25
CA ILE A 140 2.62 6.67 18.22
C ILE A 140 3.65 6.65 19.36
N ALA A 141 3.90 5.46 19.93
CA ALA A 141 4.84 5.31 21.09
C ALA A 141 6.22 5.73 20.72
N ALA A 142 6.64 5.51 19.47
CA ALA A 142 7.97 5.91 19.02
C ALA A 142 8.06 7.43 18.81
N ASN A 143 6.93 8.12 18.87
CA ASN A 143 6.86 9.53 18.47
C ASN A 143 6.12 10.36 19.54
N THR A 144 6.64 10.40 20.76
CA THR A 144 6.02 11.19 21.82
C THR A 144 6.13 12.70 21.66
N GLN A 145 6.90 13.20 20.70
CA GLN A 145 6.85 14.65 20.37
C GLN A 145 5.49 15.02 19.73
N ILE A 146 4.81 14.06 19.11
CA ILE A 146 3.50 14.35 18.51
C ILE A 146 2.48 14.36 19.66
N GLU A 147 1.67 15.41 19.75
CA GLU A 147 0.75 15.52 20.86
C GLU A 147 -0.62 15.07 20.45
N ASN A 148 -1.12 15.66 19.39
CA ASN A 148 -2.36 15.19 18.79
C ASN A 148 -1.81 14.33 17.65
N PRO A 149 -2.11 13.00 17.64
CA PRO A 149 -1.74 12.06 16.61
C PRO A 149 -2.46 12.29 15.29
N ASP A 150 -3.47 13.15 15.31
CA ASP A 150 -4.27 13.43 14.12
C ASP A 150 -3.85 14.74 13.42
N ALA A 151 -2.93 15.49 14.03
CA ALA A 151 -2.44 16.76 13.48
C ALA A 151 -0.98 16.54 13.21
N ILE A 152 -0.68 16.18 11.96
CA ILE A 152 0.68 16.09 11.48
C ILE A 152 0.75 16.91 10.18
N ASP A 153 1.96 17.39 9.86
CA ASP A 153 2.19 18.38 8.81
C ASP A 153 2.99 17.77 7.70
N VAL A 154 2.62 18.09 6.46
CA VAL A 154 3.46 17.79 5.28
C VAL A 154 4.89 18.26 5.62
N GLY A 155 5.88 17.38 5.54
CA GLY A 155 7.28 17.79 5.85
C GLY A 155 7.79 17.48 7.24
N GLN A 156 6.89 16.99 8.08
CA GLN A 156 7.25 16.60 9.43
C GLN A 156 7.97 15.28 9.34
N ILE A 157 9.05 15.12 10.10
CA ILE A 157 9.78 13.90 10.16
C ILE A 157 9.28 13.09 11.44
N ILE A 158 8.99 11.82 11.25
CA ILE A 158 8.73 10.91 12.36
C ILE A 158 9.79 9.83 12.44
N THR A 159 9.94 9.30 13.65
CA THR A 159 10.75 8.11 13.96
C THR A 159 10.01 6.87 13.56
N VAL A 160 10.72 5.97 12.90
CA VAL A 160 10.19 4.63 12.61
C VAL A 160 10.91 3.69 13.55
N PRO A 161 10.15 2.85 14.36
CA PRO A 161 10.81 2.01 15.33
C PRO A 161 11.41 0.82 14.57
N VAL A 162 12.76 0.77 14.46
CA VAL A 162 13.47 -0.35 13.80
C VAL A 162 13.81 -1.44 14.81
N CYS A 163 13.51 -2.71 14.51
CA CYS A 163 13.81 -3.79 15.42
C CYS A 163 15.29 -3.75 15.71
N PRO A 164 15.68 -3.91 16.99
CA PRO A 164 17.09 -4.14 17.24
C PRO A 164 17.60 -5.44 16.57
N SER A 165 18.90 -5.43 16.31
CA SER A 165 19.59 -6.48 15.59
C SER A 165 18.78 -6.93 14.38
N SER A 166 18.66 -6.02 13.41
CA SER A 166 17.99 -6.33 12.21
C SER A 166 18.64 -5.63 11.00
N GLN A 167 18.31 -6.15 9.82
CA GLN A 167 18.92 -5.63 8.60
C GLN A 167 18.15 -5.98 7.36
N CYS A 168 18.38 -5.15 6.34
CA CYS A 168 17.97 -5.49 4.95
C CYS A 168 19.24 -5.80 4.18
N GLU A 169 19.17 -6.83 3.37
CA GLU A 169 20.34 -7.49 2.85
C GLU A 169 20.92 -6.73 1.70
N ALA A 170 20.11 -6.00 0.96
CA ALA A 170 20.67 -5.24 -0.13
C ALA A 170 19.62 -4.15 -0.30
N VAL A 171 20.14 -2.97 -0.56
CA VAL A 171 19.30 -1.81 -0.85
C VAL A 171 19.90 -1.13 -2.07
N GLY A 172 19.12 -1.00 -3.14
CA GLY A 172 19.72 -0.57 -4.41
C GLY A 172 18.72 -0.23 -5.46
N THR A 173 19.26 0.16 -6.59
CA THR A 173 18.42 0.57 -7.71
C THR A 173 17.64 -0.54 -8.32
N TYR A 174 16.43 -0.19 -8.75
CA TYR A 174 15.57 -1.06 -9.46
C TYR A 174 14.84 -0.19 -10.51
N ASN A 175 14.70 -0.71 -11.74
CA ASN A 175 13.91 -0.04 -12.75
C ASN A 175 12.52 -0.64 -12.90
N ILE A 176 11.55 0.24 -12.71
CA ILE A 176 10.12 -0.07 -12.76
C ILE A 176 9.80 -0.76 -14.09
N VAL A 177 9.06 -1.86 -14.06
CA VAL A 177 8.56 -2.47 -15.30
C VAL A 177 7.02 -2.31 -15.29
N ALA A 178 6.39 -2.55 -16.45
CA ALA A 178 4.95 -2.29 -16.64
C ALA A 178 4.14 -3.07 -15.59
N GLY A 179 3.20 -2.41 -14.92
CA GLY A 179 2.44 -3.06 -13.85
C GLY A 179 3.15 -3.16 -12.47
N ASP A 180 4.34 -2.62 -12.31
CA ASP A 180 4.96 -2.61 -10.96
C ASP A 180 4.21 -1.70 -9.98
N LEU A 181 4.00 -2.20 -8.76
CA LEU A 181 3.39 -1.49 -7.63
C LEU A 181 4.23 -1.75 -6.35
N PHE A 182 4.42 -0.69 -5.56
CA PHE A 182 5.01 -0.76 -4.20
C PHE A 182 4.43 -1.93 -3.38
N VAL A 183 3.08 -2.05 -3.35
CA VAL A 183 2.42 -3.18 -2.62
C VAL A 183 2.96 -4.55 -3.06
N ASP A 184 3.07 -4.78 -4.37
CA ASP A 184 3.55 -6.08 -4.87
C ASP A 184 5.06 -6.22 -4.71
N LEU A 185 5.79 -5.14 -5.00
CA LEU A 185 7.26 -5.20 -4.84
C LEU A 185 7.64 -5.56 -3.38
N ALA A 186 6.85 -5.13 -2.40
CA ALA A 186 7.15 -5.42 -0.98
C ALA A 186 7.11 -6.91 -0.75
N ALA A 187 6.06 -7.56 -1.27
CA ALA A 187 5.91 -8.97 -1.08
C ALA A 187 7.04 -9.71 -1.79
N THR A 188 7.29 -9.36 -3.07
CA THR A 188 8.29 -10.09 -3.88
C THR A 188 9.70 -10.00 -3.27
N TYR A 189 10.02 -8.83 -2.74
CA TYR A 189 11.36 -8.57 -2.22
C TYR A 189 11.44 -8.60 -0.70
N HIS A 190 10.37 -9.02 -0.02
CA HIS A 190 10.38 -9.25 1.45
C HIS A 190 10.78 -7.99 2.18
N THR A 191 10.02 -6.94 1.88
CA THR A 191 10.14 -5.64 2.55
C THR A 191 8.72 -5.10 2.72
N THR A 192 8.54 -3.80 2.93
CA THR A 192 7.21 -3.27 3.18
C THR A 192 7.06 -2.04 2.29
N ILE A 193 5.80 -1.73 2.03
CA ILE A 193 5.43 -0.50 1.39
C ILE A 193 6.13 0.70 2.04
N GLY A 194 6.10 0.75 3.38
CA GLY A 194 6.62 1.91 4.11
C GLY A 194 8.12 2.11 3.86
N GLN A 195 8.85 1.01 3.81
CA GLN A 195 10.31 1.04 3.68
C GLN A 195 10.69 1.48 2.23
N ILE A 196 9.89 1.07 1.23
CA ILE A 196 10.04 1.58 -0.14
C ILE A 196 9.71 3.06 -0.21
N LYS A 197 8.62 3.46 0.41
CA LYS A 197 8.27 4.86 0.46
C LYS A 197 9.34 5.69 1.14
N ALA A 198 9.93 5.19 2.22
CA ALA A 198 10.91 6.01 2.98
C ALA A 198 12.19 6.30 2.17
N LEU A 199 12.53 5.33 1.32
CA LEU A 199 13.74 5.38 0.49
C LEU A 199 13.51 6.18 -0.79
N ASN A 200 12.24 6.51 -1.04
CA ASN A 200 11.77 7.22 -2.23
C ASN A 200 10.67 8.21 -1.80
N ASN A 201 11.00 9.04 -0.82
CA ASN A 201 9.94 9.73 -0.01
C ASN A 201 9.29 10.81 -0.78
N ASN A 202 9.93 11.24 -1.87
CA ASN A 202 9.27 12.15 -2.76
C ASN A 202 8.65 11.53 -4.03
N VAL A 203 8.43 10.23 -4.05
CA VAL A 203 7.82 9.54 -5.17
C VAL A 203 6.36 9.12 -4.85
N ASN A 204 5.43 9.53 -5.70
CA ASN A 204 4.03 9.18 -5.53
C ASN A 204 3.88 7.73 -6.10
N PRO A 205 3.40 6.79 -5.28
CA PRO A 205 3.34 5.43 -5.82
C PRO A 205 2.41 5.27 -7.03
N SER A 206 1.52 6.25 -7.22
CA SER A 206 0.44 6.18 -8.22
C SER A 206 0.90 6.80 -9.54
N LYS A 207 2.13 7.27 -9.57
CA LYS A 207 2.65 7.95 -10.76
C LYS A 207 3.99 7.32 -11.23
N LEU A 208 4.15 6.01 -11.09
CA LEU A 208 5.35 5.35 -11.55
C LEU A 208 5.30 5.12 -13.07
N LYS A 209 6.47 5.23 -13.72
CA LYS A 209 6.56 5.11 -15.20
C LYS A 209 7.53 3.96 -15.54
N VAL A 210 7.23 3.18 -16.58
CA VAL A 210 8.11 2.08 -16.99
C VAL A 210 9.47 2.71 -17.16
N GLY A 211 10.50 2.01 -16.72
CA GLY A 211 11.87 2.50 -16.81
C GLY A 211 12.31 3.37 -15.66
N GLN A 212 11.39 3.82 -14.78
CA GLN A 212 11.77 4.71 -13.66
C GLN A 212 12.67 3.98 -12.65
N GLN A 213 13.72 4.66 -12.16
CA GLN A 213 14.61 4.07 -11.18
C GLN A 213 14.04 4.42 -9.81
N ILE A 214 13.79 3.41 -8.96
CA ILE A 214 13.50 3.64 -7.56
C ILE A 214 14.62 2.93 -6.79
N ILE A 215 14.64 3.15 -5.47
CA ILE A 215 15.51 2.50 -4.54
C ILE A 215 14.72 1.43 -3.76
N LEU A 216 15.21 0.20 -3.80
CA LEU A 216 14.46 -0.97 -3.39
C LEU A 216 15.28 -1.73 -2.38
N PRO A 217 14.79 -1.81 -1.13
CA PRO A 217 15.36 -2.66 -0.06
C PRO A 217 14.93 -4.11 -0.27
N GLN A 218 15.75 -5.07 0.09
CA GLN A 218 15.40 -6.49 -0.09
C GLN A 218 15.72 -7.26 1.17
N ASP A 219 14.88 -8.24 1.48
CA ASP A 219 15.16 -9.29 2.48
C ASP A 219 15.46 -8.72 3.86
N CYS A 220 14.49 -7.96 4.31
CA CYS A 220 14.59 -7.31 5.58
C CYS A 220 14.14 -8.26 6.68
N LYS A 221 14.98 -8.48 7.67
CA LYS A 221 14.65 -9.46 8.72
C LYS A 221 15.44 -9.13 9.94
N ASN A 222 14.99 -9.65 11.08
CA ASN A 222 15.80 -9.77 12.24
C ASN A 222 17.00 -10.69 11.99
N VAL A 223 18.12 -10.44 12.65
CA VAL A 223 19.31 -11.28 12.52
C VAL A 223 19.80 -11.72 13.91
N THR A 224 20.52 -12.86 13.95
CA THR A 224 20.98 -13.68 15.13
C THR A 224 19.95 -14.68 15.60
C1 NAG B . 3.24 -8.28 8.94
C2 NAG B . 3.49 -9.13 7.70
C3 NAG B . 3.08 -10.60 7.88
C4 NAG B . 3.71 -11.25 9.10
C5 NAG B . 3.38 -10.34 10.30
C6 NAG B . 4.06 -10.88 11.56
C7 NAG B . 3.21 -7.98 5.55
C8 NAG B . 2.20 -7.55 4.54
N2 NAG B . 2.69 -8.62 6.59
O3 NAG B . 3.41 -11.31 6.72
O4 NAG B . 3.11 -12.56 9.21
O5 NAG B . 3.71 -8.95 10.10
O6 NAG B . 5.43 -10.54 11.61
O7 NAG B . 4.41 -7.75 5.43
C1 NAG B . 3.98 -13.75 9.23
C2 NAG B . 3.16 -14.98 8.84
C3 NAG B . 3.86 -16.21 9.44
C4 NAG B . 5.18 -16.38 8.68
C5 NAG B . 5.94 -15.03 8.49
C6 NAG B . 6.89 -15.13 7.27
C7 NAG B . 1.09 -14.41 10.13
C8 NAG B . -0.42 -14.46 10.12
N2 NAG B . 1.70 -14.92 9.07
O3 NAG B . 3.07 -17.37 9.34
O4 NAG B . 5.98 -17.39 9.29
O5 NAG B . 5.12 -13.84 8.36
O6 NAG B . 8.01 -14.27 7.37
O7 NAG B . 1.69 -13.91 11.07
C1 NDG C . -4.55 -2.88 -1.46
C2 NDG C . -5.22 -2.53 -2.81
C3 NDG C . -4.21 -1.96 -3.81
C4 NDG C . -3.49 -0.78 -3.19
C5 NDG C . -2.93 -1.14 -1.82
C6 NDG C . -2.36 0.13 -1.16
C7 NDG C . -7.22 -3.85 -3.49
C8 NDG C . -7.75 -5.16 -4.07
O5 NDG C . -3.89 -1.71 -0.93
O3 NDG C . -4.78 -1.53 -5.06
O4 NDG C . -2.40 -0.47 -4.02
O6 NDG C . -1.30 -0.32 -0.35
O7 NDG C . -8.00 -2.93 -3.13
N2 NDG C . -5.87 -3.73 -3.36
O1 NDG C . -3.54 -3.87 -1.69
C1 NAG C . -2.50 0.70 -4.82
C2 NAG C . -1.06 1.15 -5.13
C3 NAG C . -0.99 2.28 -6.18
C4 NAG C . -1.94 2.01 -7.33
C5 NAG C . -3.34 1.58 -6.85
C6 NAG C . -4.25 1.20 -8.01
C7 NAG C . 0.83 1.05 -3.54
C8 NAG C . 1.40 1.66 -2.27
N2 NAG C . -0.35 1.55 -3.93
O3 NAG C . 0.33 2.56 -6.60
O4 NAG C . -2.09 3.19 -8.09
O5 NAG C . -3.20 0.42 -6.03
O6 NAG C . -3.63 0.13 -8.68
O7 NAG C . 1.42 0.19 -4.18
C1 NAG C . -1.67 2.95 -9.47
C2 NAG C . -2.30 3.98 -10.42
C3 NAG C . -1.82 3.74 -11.85
C4 NAG C . -0.31 3.60 -11.85
C5 NAG C . 0.24 2.63 -10.80
C6 NAG C . 1.78 2.74 -10.70
C7 NAG C . -4.41 4.78 -9.52
C8 NAG C . -5.90 4.67 -9.46
N2 NAG C . -3.75 3.93 -10.35
O3 NAG C . -2.29 4.78 -12.74
O4 NAG C . 0.07 2.94 -13.00
O5 NAG C . -0.27 2.98 -9.51
O6 NAG C . 2.17 4.09 -10.38
O7 NAG C . -3.82 5.64 -8.85
C1 NAG C . 0.49 3.77 -14.06
C2 NAG C . 1.47 3.00 -14.94
C3 NAG C . 1.70 3.83 -16.23
C4 NAG C . 0.39 4.24 -16.91
C5 NAG C . -0.53 4.93 -15.88
C6 NAG C . -1.92 5.33 -16.44
C7 NAG C . 3.14 1.25 -14.10
C8 NAG C . 4.48 0.97 -13.45
N2 NAG C . 2.75 2.56 -14.30
O3 NAG C . 2.57 3.17 -17.15
O4 NAG C . 0.69 5.11 -17.97
O5 NAG C . -0.72 4.10 -14.75
O6 NAG C . -2.70 5.84 -15.36
O7 NAG C . 2.46 0.26 -14.42
C1 NAG D . 12.22 -9.05 15.58
C2 NAG D . 10.85 -9.67 15.86
C3 NAG D . 10.08 -8.71 16.79
C4 NAG D . 10.82 -8.38 18.08
C5 NAG D . 12.20 -7.82 17.68
C6 NAG D . 13.13 -7.46 18.83
C7 NAG D . 9.96 -10.89 13.89
C8 NAG D . 9.25 -10.79 12.57
N2 NAG D . 10.19 -9.76 14.57
O3 NAG D . 8.80 -9.18 16.99
O4 NAG D . 10.04 -7.45 18.83
O5 NAG D . 12.86 -8.74 16.84
O6 NAG D . 13.00 -8.41 19.83
O7 NAG D . 10.30 -11.98 14.27
I3 I3C E . 10.57 -15.84 1.81
I2 I3C E . 14.86 -12.70 4.57
I1 I3C E . 11.69 -16.89 7.62
O8 I3C E . 10.74 -18.38 4.66
O9 I3C E . 9.08 -17.00 4.88
C10 I3C E . 13.88 -14.59 7.17
N13 I3C E . 12.86 -13.79 2.26
C1 I3C E . 11.32 -16.17 4.73
C6 I3C E . 11.64 -15.45 3.51
C5 I3C E . 12.66 -14.43 3.43
C4 I3C E . 13.41 -14.15 4.65
C3 I3C E . 13.14 -14.86 5.90
C2 I3C E . 12.10 -15.86 5.90
C7 I3C E . 10.29 -17.24 4.77
O11 I3C E . 13.44 -13.73 7.97
O12 I3C E . 14.92 -15.26 7.38
#